data_3W1U
#
_entry.id   3W1U
#
_cell.length_a   67.923
_cell.length_b   71.738
_cell.length_c   129.018
_cell.angle_alpha   90.00
_cell.angle_beta   90.00
_cell.angle_gamma   90.00
#
_symmetry.space_group_name_H-M   'P 21 21 21'
#
loop_
_entity.id
_entity.type
_entity.pdbx_description
1 polymer 'Dihydroorotate dehydrogenase (fumarate)'
2 non-polymer '5-[2-(4-methylphenyl)ethyl]-2,6-dioxo-1,2,3,6-tetrahydropyrimidine-4-carboxylic acid'
3 non-polymer GLYCEROL
4 non-polymer 'FLAVIN MONONUCLEOTIDE'
5 non-polymer 'COBALT HEXAMMINE(III)'
6 water water
#
_entity_poly.entity_id   1
_entity_poly.type   'polypeptide(L)'
_entity_poly.pdbx_seq_one_letter_code
;MCLKLNLLDHVFANPFMNAAGVLCSTEEDLRCMTASSSGALVSKSCTSAPRDGNPEPRYMAFPLGSINSMGLPNLGFDFY
LKYASDLHDYSKKPLFLSISGLSVEENVAMVRRLAPVAQEKGVLLELNLSCPNVPGKPQVAYDFEAMRTYLQQVSLAYGL
PFGVKMPPYFDIAHFDTAAAVLNEFPLVKFVTCVNSVGNGLVIDAESESVVIKPKQGFGGLGGKYILPTALANVNAFYRR
CPDKLVFGCGGVYSGEDAFLHILAGASMVQVGTALQEEGPGIFTRLEDELLEIMARKGYRTLEEFRGRVKTIE
;
_entity_poly.pdbx_strand_id   A,B
#
# COMPACT_ATOMS: atom_id res chain seq x y z
N MET A 1 6.17 3.02 36.49
CA MET A 1 5.86 2.94 35.01
C MET A 1 7.13 2.97 34.16
N CYS A 2 7.35 2.05 33.25
CA CYS A 2 8.63 2.20 32.50
C CYS A 2 8.58 1.65 31.10
N LEU A 3 9.42 2.26 30.29
CA LEU A 3 9.57 1.91 28.90
C LEU A 3 10.70 0.95 28.53
N LYS A 4 11.44 0.48 29.56
CA LYS A 4 12.60 -0.40 29.47
C LYS A 4 12.21 -1.67 28.72
N LEU A 5 13.12 -2.15 27.87
CA LEU A 5 13.04 -3.45 27.25
C LEU A 5 14.40 -4.13 27.33
N ASN A 6 14.36 -5.42 27.42
CA ASN A 6 15.53 -6.27 27.28
C ASN A 6 15.25 -7.26 26.22
N LEU A 7 16.02 -7.21 25.19
CA LEU A 7 15.91 -8.20 24.19
C LEU A 7 17.17 -8.34 23.36
N LEU A 8 17.30 -9.49 22.74
CA LEU A 8 18.47 -9.75 21.96
C LEU A 8 19.72 -9.56 22.81
N ASP A 9 19.62 -9.88 24.08
CA ASP A 9 20.71 -9.76 24.99
C ASP A 9 21.24 -8.31 25.10
N HIS A 10 20.35 -7.37 24.85
CA HIS A 10 20.66 -5.97 25.07
C HIS A 10 19.60 -5.29 25.89
N VAL A 11 19.95 -4.16 26.50
CA VAL A 11 18.99 -3.42 27.31
C VAL A 11 18.73 -2.06 26.63
N PHE A 12 17.44 -1.71 26.57
CA PHE A 12 17.00 -0.52 25.86
C PHE A 12 16.15 0.33 26.83
N ALA A 13 16.47 1.61 26.92
CA ALA A 13 15.79 2.50 27.83
C ALA A 13 14.32 2.68 27.43
N ASN A 14 14.07 2.61 26.11
CA ASN A 14 12.74 2.76 25.62
C ASN A 14 12.70 2.09 24.22
N PRO A 15 11.50 1.91 23.66
CA PRO A 15 11.50 1.19 22.42
C PRO A 15 11.79 1.99 21.16
N PHE A 16 12.04 3.29 21.26
CA PHE A 16 12.13 4.13 20.03
C PHE A 16 13.50 4.16 19.45
N MET A 17 13.54 4.20 18.10
CA MET A 17 14.80 4.31 17.38
C MET A 17 14.45 4.93 16.04
N ASN A 18 15.48 5.43 15.37
CA ASN A 18 15.22 5.88 14.01
C ASN A 18 14.93 4.68 13.08
N ALA A 19 14.25 4.93 11.97
CA ALA A 19 14.17 4.01 10.88
C ALA A 19 15.39 4.09 10.02
N ALA A 20 15.90 2.97 9.49
CA ALA A 20 17.04 3.04 8.65
C ALA A 20 16.75 4.03 7.48
N GLY A 21 17.79 4.83 7.25
CA GLY A 21 17.88 5.82 6.24
C GLY A 21 17.63 7.22 6.76
N VAL A 22 17.01 7.34 7.92
CA VAL A 22 16.76 8.67 8.51
C VAL A 22 17.77 9.03 9.62
N LEU A 23 18.43 10.17 9.50
CA LEU A 23 19.31 10.68 10.51
C LEU A 23 20.38 9.67 10.91
N CYS A 24 20.87 8.90 9.93
CA CYS A 24 21.87 7.85 10.19
C CYS A 24 23.01 7.64 9.16
N SER A 25 23.23 8.58 8.24
CA SER A 25 24.13 8.36 7.13
C SER A 25 25.63 8.69 7.41
N THR A 26 25.81 9.72 8.21
CA THR A 26 27.12 10.28 8.47
C THR A 26 27.49 10.12 9.94
N GLU A 27 28.77 10.34 10.26
CA GLU A 27 29.20 10.21 11.64
C GLU A 27 28.42 11.25 12.49
N GLU A 28 28.31 12.44 11.90
CA GLU A 28 27.51 13.51 12.54
C GLU A 28 26.06 13.00 12.88
N ASP A 29 25.39 12.42 11.91
CA ASP A 29 24.04 11.84 12.08
C ASP A 29 24.03 10.83 13.22
N LEU A 30 24.98 9.91 13.20
CA LEU A 30 24.99 8.82 14.16
C LEU A 30 25.27 9.35 15.54
N ARG A 31 26.16 10.33 15.69
CA ARG A 31 26.40 10.98 16.97
C ARG A 31 25.17 11.74 17.47
N CYS A 32 24.43 12.35 16.56
CA CYS A 32 23.16 12.99 16.89
C CYS A 32 22.11 12.02 17.39
N MET A 33 21.91 10.92 16.67
CA MET A 33 21.00 9.93 17.15
C MET A 33 21.48 9.38 18.53
N THR A 34 22.77 9.16 18.70
CA THR A 34 23.27 8.66 20.00
C THR A 34 22.97 9.67 21.13
N ALA A 35 23.11 10.96 20.89
CA ALA A 35 22.85 11.99 21.87
C ALA A 35 21.37 12.21 22.18
N SER A 36 20.50 11.72 21.31
CA SER A 36 19.06 11.86 21.45
C SER A 36 18.55 10.91 22.53
N SER A 37 17.27 11.05 22.88
CA SER A 37 16.77 10.18 23.93
C SER A 37 16.21 8.87 23.35
N SER A 38 16.52 8.54 22.08
CA SER A 38 16.04 7.29 21.51
C SER A 38 16.60 6.10 22.32
N GLY A 39 15.90 4.95 22.29
CA GLY A 39 16.41 3.79 23.00
C GLY A 39 17.51 3.07 22.19
N ALA A 40 17.57 3.26 20.88
CA ALA A 40 18.61 2.68 20.05
C ALA A 40 18.71 3.51 18.74
N LEU A 41 19.65 3.12 17.87
CA LEU A 41 19.79 3.69 16.54
C LEU A 41 20.20 2.60 15.59
N VAL A 42 19.87 2.84 14.32
CA VAL A 42 20.31 1.95 13.21
C VAL A 42 21.05 2.83 12.21
N SER A 43 22.13 2.33 11.65
CA SER A 43 22.89 3.05 10.59
C SER A 43 22.25 2.92 9.23
N LYS A 44 22.46 3.91 8.37
CA LYS A 44 21.98 3.89 6.99
C LYS A 44 22.40 2.58 6.32
N SER A 45 21.45 1.97 5.58
CA SER A 45 21.64 0.76 4.76
C SER A 45 22.83 1.01 3.88
N CYS A 46 23.81 0.08 3.94
CA CYS A 46 25.05 0.31 3.20
C CYS A 46 25.33 -0.74 2.11
N THR A 47 26.22 -0.35 1.21
CA THR A 47 26.74 -1.22 0.18
C THR A 47 28.24 -1.35 0.41
N SER A 48 28.89 -2.26 -0.30
CA SER A 48 30.32 -2.42 -0.14
C SER A 48 31.03 -1.13 -0.49
N ALA A 49 30.67 -0.53 -1.58
CA ALA A 49 31.31 0.73 -2.04
C ALA A 49 30.38 1.93 -1.67
N PRO A 50 30.98 3.09 -1.38
CA PRO A 50 30.17 4.27 -1.16
C PRO A 50 29.30 4.55 -2.38
N ARG A 51 28.15 5.22 -2.18
CA ARG A 51 27.27 5.58 -3.28
C ARG A 51 26.78 6.99 -3.12
N ASP A 52 26.68 7.73 -4.26
CA ASP A 52 26.14 9.09 -4.22
C ASP A 52 24.58 9.08 -4.19
N GLY A 53 24.01 8.01 -4.67
CA GLY A 53 22.58 7.87 -4.78
C GLY A 53 22.05 8.63 -5.98
N ASN A 54 20.75 8.78 -6.01
CA ASN A 54 20.09 9.38 -7.17
C ASN A 54 20.13 10.91 -7.17
N PRO A 55 19.83 11.51 -8.34
CA PRO A 55 19.70 12.91 -8.41
C PRO A 55 18.60 13.48 -7.60
N GLU A 56 18.78 14.73 -7.15
CA GLU A 56 17.81 15.45 -6.34
C GLU A 56 16.88 16.25 -7.23
N PRO A 57 15.68 16.58 -6.74
CA PRO A 57 15.10 16.16 -5.50
C PRO A 57 14.75 14.67 -5.51
N ARG A 58 15.00 14.00 -4.37
CA ARG A 58 14.78 12.59 -4.27
C ARG A 58 14.02 12.22 -2.97
N TYR A 59 13.74 13.20 -2.09
CA TYR A 59 12.87 13.05 -0.94
C TYR A 59 12.00 14.23 -0.86
N MET A 60 10.70 14.04 -0.61
CA MET A 60 9.83 15.16 -0.34
C MET A 60 8.82 14.78 0.73
N ALA A 61 8.47 15.73 1.62
CA ALA A 61 7.47 15.44 2.61
C ALA A 61 6.26 16.38 2.54
N PHE A 62 5.15 15.93 3.05
CA PHE A 62 3.86 16.62 2.92
C PHE A 62 3.07 16.30 4.20
N PRO A 63 1.88 16.94 4.41
CA PRO A 63 1.13 16.75 5.66
C PRO A 63 0.87 15.30 6.00
N LEU A 64 0.66 14.52 4.97
CA LEU A 64 0.31 13.08 5.23
C LEU A 64 1.45 12.07 5.09
N GLY A 65 2.63 12.54 4.76
CA GLY A 65 3.82 11.69 4.76
C GLY A 65 4.84 12.06 3.73
N SER A 66 5.59 11.05 3.25
CA SER A 66 6.78 11.32 2.43
C SER A 66 6.88 10.33 1.25
N ILE A 67 7.62 10.72 0.24
CA ILE A 67 7.98 9.90 -0.84
C ILE A 67 9.49 10.01 -1.07
N ASN A 68 10.12 8.89 -1.40
CA ASN A 68 11.56 8.94 -1.63
C ASN A 68 12.00 7.94 -2.66
N SER A 69 13.01 8.32 -3.43
CA SER A 69 13.76 7.42 -4.26
C SER A 69 15.19 7.85 -4.14
N MET A 70 15.76 7.57 -2.96
CA MET A 70 17.08 8.10 -2.63
C MET A 70 18.20 7.42 -3.47
N GLY A 71 18.02 6.14 -3.78
CA GLY A 71 18.99 5.42 -4.55
C GLY A 71 20.14 4.89 -3.67
N LEU A 72 19.87 4.57 -2.41
CA LEU A 72 20.85 4.05 -1.50
C LEU A 72 22.18 4.85 -1.38
N PRO A 73 22.09 6.14 -1.19
CA PRO A 73 23.34 6.88 -0.98
C PRO A 73 23.90 6.50 0.41
N ASN A 74 25.19 6.25 0.53
CA ASN A 74 25.72 5.82 1.83
C ASN A 74 27.24 5.95 1.74
N LEU A 75 27.87 5.93 2.90
CA LEU A 75 29.31 6.11 2.94
C LEU A 75 30.12 4.82 2.71
N GLY A 76 29.45 3.72 2.48
CA GLY A 76 30.09 2.42 2.28
C GLY A 76 30.28 1.65 3.56
N PHE A 77 30.37 0.36 3.42
CA PHE A 77 30.47 -0.53 4.53
C PHE A 77 31.59 -0.28 5.45
N ASP A 78 32.76 0.02 4.91
CA ASP A 78 33.90 0.16 5.75
C ASP A 78 33.65 1.27 6.79
N PHE A 79 33.01 2.33 6.36
CA PHE A 79 32.66 3.43 7.27
C PHE A 79 31.72 2.99 8.40
N TYR A 80 30.66 2.24 8.10
CA TYR A 80 29.67 1.88 9.12
C TYR A 80 30.26 0.83 10.05
N LEU A 81 31.13 0.00 9.47
CA LEU A 81 31.84 -0.96 10.31
C LEU A 81 32.84 -0.34 11.30
N LYS A 82 33.57 0.67 10.85
CA LYS A 82 34.46 1.45 11.68
C LYS A 82 33.63 2.17 12.74
N TYR A 83 32.48 2.74 12.35
CA TYR A 83 31.63 3.39 13.38
C TYR A 83 31.29 2.34 14.47
N ALA A 84 30.83 1.19 14.05
CA ALA A 84 30.49 0.15 15.01
C ALA A 84 31.68 -0.34 15.88
N SER A 85 32.85 -0.48 15.30
CA SER A 85 33.95 -1.18 15.96
C SER A 85 34.73 -0.16 16.80
N ASP A 86 34.80 1.10 16.39
CA ASP A 86 35.69 2.04 17.01
C ASP A 86 35.00 3.29 17.58
N LEU A 87 33.87 3.74 17.02
CA LEU A 87 33.40 5.09 17.34
C LEU A 87 32.16 5.09 18.19
N HIS A 88 31.27 4.11 18.05
CA HIS A 88 30.00 4.15 18.78
C HIS A 88 30.18 3.94 20.27
N ASP A 89 29.48 4.72 21.07
CA ASP A 89 29.52 4.50 22.51
C ASP A 89 28.37 3.62 22.92
N TYR A 90 28.67 2.36 23.20
CA TYR A 90 27.66 1.41 23.49
C TYR A 90 27.15 1.56 24.91
N SER A 91 27.80 2.35 25.76
CA SER A 91 27.22 2.61 27.07
C SER A 91 26.02 3.55 26.93
N LYS A 92 25.89 4.27 25.81
CA LYS A 92 24.73 5.14 25.59
C LYS A 92 23.47 4.37 25.20
N LYS A 93 23.57 3.53 24.17
CA LYS A 93 22.48 2.72 23.75
C LYS A 93 22.98 1.72 22.74
N PRO A 94 22.15 0.77 22.38
CA PRO A 94 22.61 -0.19 21.40
C PRO A 94 22.54 0.35 19.96
N LEU A 95 23.40 -0.20 19.15
CA LEU A 95 23.47 0.06 17.70
C LEU A 95 23.05 -1.12 16.83
N PHE A 96 22.25 -0.82 15.80
CA PHE A 96 21.95 -1.69 14.71
C PHE A 96 22.66 -1.16 13.48
N LEU A 97 23.25 -2.05 12.70
CA LEU A 97 23.81 -1.78 11.42
C LEU A 97 22.98 -2.45 10.32
N SER A 98 22.51 -1.61 9.40
CA SER A 98 21.69 -2.11 8.32
C SER A 98 22.56 -2.29 7.08
N ILE A 99 22.37 -3.38 6.41
CA ILE A 99 23.06 -3.61 5.17
C ILE A 99 22.11 -3.88 4.05
N SER A 100 22.48 -3.47 2.86
CA SER A 100 21.61 -3.63 1.74
C SER A 100 22.42 -3.81 0.48
N GLY A 101 23.21 -4.89 0.45
CA GLY A 101 24.00 -5.25 -0.77
C GLY A 101 23.10 -5.47 -2.01
N LEU A 102 23.70 -5.29 -3.15
CA LEU A 102 22.98 -5.32 -4.44
C LEU A 102 22.88 -6.72 -5.09
N SER A 103 23.51 -7.68 -4.44
CA SER A 103 23.53 -9.08 -4.84
C SER A 103 23.73 -9.86 -3.58
N VAL A 104 23.43 -11.16 -3.60
CA VAL A 104 23.69 -11.97 -2.47
C VAL A 104 25.17 -12.00 -2.12
N GLU A 105 26.06 -12.02 -3.14
CA GLU A 105 27.49 -12.12 -2.86
C GLU A 105 27.97 -10.89 -2.09
N GLU A 106 27.42 -9.73 -2.44
CA GLU A 106 27.86 -8.48 -1.74
C GLU A 106 27.41 -8.51 -0.24
N ASN A 107 26.20 -8.95 0.02
CA ASN A 107 25.76 -9.15 1.42
C ASN A 107 26.61 -10.14 2.19
N VAL A 108 26.88 -11.30 1.60
CA VAL A 108 27.79 -12.28 2.22
C VAL A 108 29.14 -11.64 2.58
N ALA A 109 29.72 -10.86 1.69
CA ALA A 109 31.03 -10.31 1.95
C ALA A 109 30.98 -9.35 3.12
N MET A 110 29.93 -8.57 3.16
CA MET A 110 29.76 -7.65 4.28
C MET A 110 29.52 -8.37 5.61
N VAL A 111 28.61 -9.32 5.63
CA VAL A 111 28.30 -10.01 6.89
C VAL A 111 29.52 -10.82 7.45
N ARG A 112 30.34 -11.36 6.56
CA ARG A 112 31.51 -12.12 7.00
C ARG A 112 32.40 -11.24 7.81
N ARG A 113 32.58 -10.03 7.33
CA ARG A 113 33.33 -9.00 8.03
C ARG A 113 32.69 -8.35 9.27
N LEU A 114 31.40 -8.21 9.28
CA LEU A 114 30.65 -7.70 10.41
C LEU A 114 30.73 -8.65 11.62
N ALA A 115 30.70 -9.93 11.32
CA ALA A 115 30.58 -10.94 12.36
C ALA A 115 31.49 -10.76 13.58
N PRO A 116 32.79 -10.60 13.42
CA PRO A 116 33.66 -10.51 14.62
C PRO A 116 33.37 -9.23 15.44
N VAL A 117 32.92 -8.18 14.74
CA VAL A 117 32.59 -6.94 15.42
C VAL A 117 31.24 -7.12 16.19
N ALA A 118 30.27 -7.77 15.57
CA ALA A 118 29.04 -8.14 16.25
C ALA A 118 29.34 -8.94 17.49
N GLN A 119 30.18 -9.96 17.37
CA GLN A 119 30.50 -10.78 18.56
C GLN A 119 31.22 -9.99 19.66
N GLU A 120 32.18 -9.16 19.31
CA GLU A 120 32.98 -8.43 20.26
C GLU A 120 32.33 -7.18 20.86
N LYS A 121 31.61 -6.41 20.03
CA LYS A 121 30.99 -5.12 20.47
C LYS A 121 29.47 -5.18 20.68
N GLY A 122 28.80 -6.14 20.07
CA GLY A 122 27.38 -6.38 20.26
C GLY A 122 26.54 -5.54 19.26
N VAL A 123 27.17 -4.95 18.25
CA VAL A 123 26.34 -4.48 17.11
C VAL A 123 25.42 -5.52 16.51
N LEU A 124 24.19 -5.11 16.19
CA LEU A 124 23.15 -6.00 15.71
C LEU A 124 22.88 -5.77 14.23
N LEU A 125 22.82 -6.81 13.45
CA LEU A 125 22.55 -6.67 12.04
C LEU A 125 21.07 -6.61 11.68
N GLU A 126 20.71 -5.64 10.82
CA GLU A 126 19.41 -5.59 10.15
C GLU A 126 19.68 -5.68 8.66
N LEU A 127 19.27 -6.81 8.10
CA LEU A 127 19.45 -7.03 6.64
C LEU A 127 18.24 -6.54 5.89
N ASN A 128 18.43 -5.60 4.99
CA ASN A 128 17.36 -5.01 4.24
C ASN A 128 17.04 -5.88 3.04
N LEU A 129 15.90 -6.53 3.10
CA LEU A 129 15.39 -7.36 2.01
C LEU A 129 14.54 -6.64 0.95
N SER A 130 14.52 -5.32 1.01
CA SER A 130 14.09 -4.52 -0.11
C SER A 130 15.26 -4.21 -1.02
N CYS A 131 16.44 -4.82 -0.80
CA CYS A 131 17.52 -4.62 -1.73
C CYS A 131 16.93 -5.00 -3.17
N PRO A 132 17.13 -3.97 -4.11
CA PRO A 132 16.89 -4.38 -5.49
C PRO A 132 17.79 -5.54 -5.83
N ASN A 133 17.34 -6.40 -6.71
CA ASN A 133 18.16 -7.49 -7.09
C ASN A 133 18.34 -7.33 -8.61
N VAL A 134 18.00 -8.30 -9.39
CA VAL A 134 18.21 -8.16 -10.82
C VAL A 134 17.18 -7.17 -11.32
N PRO A 135 17.66 -6.07 -12.06
CA PRO A 135 16.59 -5.22 -12.61
C PRO A 135 15.65 -5.97 -13.59
N GLY A 136 14.38 -5.64 -13.52
CA GLY A 136 13.33 -6.38 -14.15
C GLY A 136 12.76 -7.51 -13.34
N LYS A 137 13.35 -7.78 -12.18
CA LYS A 137 12.72 -8.72 -11.28
C LYS A 137 12.25 -7.91 -10.07
N PRO A 138 11.34 -8.47 -9.32
CA PRO A 138 10.85 -7.76 -8.12
C PRO A 138 11.92 -7.60 -7.08
N GLN A 139 11.74 -6.68 -6.15
CA GLN A 139 12.66 -6.54 -5.01
C GLN A 139 12.78 -7.92 -4.32
N VAL A 140 13.88 -8.16 -3.57
CA VAL A 140 14.16 -9.50 -3.13
C VAL A 140 13.02 -10.09 -2.31
N ALA A 141 12.45 -9.33 -1.44
CA ALA A 141 11.38 -9.88 -0.55
C ALA A 141 10.07 -10.10 -1.20
N TYR A 142 9.94 -9.61 -2.42
CA TYR A 142 8.82 -9.95 -3.20
C TYR A 142 9.08 -11.13 -4.17
N ASP A 143 10.26 -11.73 -4.05
CA ASP A 143 10.64 -12.91 -4.82
C ASP A 143 11.08 -13.95 -3.80
N PHE A 144 10.19 -14.86 -3.45
CA PHE A 144 10.40 -15.71 -2.26
C PHE A 144 11.55 -16.64 -2.43
N GLU A 145 11.83 -17.08 -3.66
CA GLU A 145 12.99 -17.95 -3.83
C GLU A 145 14.30 -17.14 -3.66
N ALA A 146 14.32 -15.88 -4.11
CA ALA A 146 15.49 -15.08 -3.89
C ALA A 146 15.66 -14.78 -2.44
N MET A 147 14.56 -14.45 -1.76
CA MET A 147 14.62 -14.24 -0.33
C MET A 147 15.22 -15.43 0.38
N ARG A 148 14.74 -16.63 0.06
CA ARG A 148 15.28 -17.83 0.71
C ARG A 148 16.78 -17.95 0.48
N THR A 149 17.19 -17.69 -0.76
CA THR A 149 18.65 -17.75 -1.07
C THR A 149 19.46 -16.79 -0.26
N TYR A 150 18.97 -15.57 -0.15
CA TYR A 150 19.69 -14.50 0.58
C TYR A 150 19.83 -14.95 2.05
N LEU A 151 18.73 -15.44 2.64
CA LEU A 151 18.73 -15.87 4.04
C LEU A 151 19.58 -17.12 4.31
N GLN A 152 19.58 -18.08 3.40
CA GLN A 152 20.52 -19.24 3.56
C GLN A 152 21.96 -18.79 3.59
N GLN A 153 22.29 -17.92 2.64
CA GLN A 153 23.68 -17.53 2.49
C GLN A 153 24.16 -16.61 3.57
N VAL A 154 23.33 -15.62 3.96
CA VAL A 154 23.69 -14.79 5.06
C VAL A 154 23.75 -15.56 6.39
N SER A 155 22.83 -16.51 6.59
CA SER A 155 22.84 -17.32 7.79
C SER A 155 24.16 -18.06 7.90
N LEU A 156 24.57 -18.71 6.82
CA LEU A 156 25.87 -19.46 6.78
C LEU A 156 27.08 -18.57 7.03
N ALA A 157 27.11 -17.43 6.37
CA ALA A 157 28.23 -16.52 6.39
C ALA A 157 28.37 -15.74 7.69
N TYR A 158 27.26 -15.40 8.33
CA TYR A 158 27.27 -14.60 9.56
C TYR A 158 27.33 -15.45 10.82
N GLY A 159 26.41 -16.40 10.94
CA GLY A 159 26.48 -17.38 12.00
C GLY A 159 25.96 -16.87 13.36
N LEU A 160 25.35 -15.68 13.41
CA LEU A 160 24.94 -15.03 14.66
C LEU A 160 23.50 -14.52 14.44
N PRO A 161 22.78 -14.31 15.50
CA PRO A 161 21.44 -13.72 15.43
C PRO A 161 21.41 -12.40 14.65
N PHE A 162 20.45 -12.27 13.74
CA PHE A 162 20.29 -11.01 13.02
C PHE A 162 18.80 -10.76 12.79
N GLY A 163 18.47 -9.63 12.12
CA GLY A 163 17.07 -9.34 11.77
C GLY A 163 16.99 -8.88 10.35
N VAL A 164 15.76 -8.84 9.89
CA VAL A 164 15.45 -8.49 8.56
C VAL A 164 14.44 -7.33 8.49
N LYS A 165 14.66 -6.47 7.51
CA LYS A 165 13.75 -5.37 7.21
C LYS A 165 12.94 -5.80 6.00
N MET A 166 11.61 -5.86 6.21
CA MET A 166 10.66 -6.35 5.22
C MET A 166 9.84 -5.21 4.59
N PRO A 167 9.55 -5.35 3.28
CA PRO A 167 8.58 -4.47 2.67
C PRO A 167 7.17 -4.86 3.20
N PRO A 168 6.22 -3.97 3.03
CA PRO A 168 4.85 -4.40 3.30
C PRO A 168 4.34 -5.41 2.26
N TYR A 169 3.51 -6.32 2.72
CA TYR A 169 2.64 -7.14 1.91
C TYR A 169 1.14 -6.76 2.05
N PHE A 170 0.35 -7.19 1.09
CA PHE A 170 -1.05 -6.76 0.86
C PHE A 170 -2.01 -7.93 0.62
N ASP A 171 -1.49 -9.12 0.70
CA ASP A 171 -2.26 -10.35 0.32
C ASP A 171 -1.93 -11.37 1.45
N ILE A 172 -2.96 -12.02 1.97
CA ILE A 172 -2.80 -12.96 3.10
C ILE A 172 -1.89 -14.09 2.64
N ALA A 173 -2.02 -14.49 1.37
CA ALA A 173 -1.14 -15.56 0.83
C ALA A 173 0.33 -15.23 0.94
N HIS A 174 0.64 -13.93 0.76
CA HIS A 174 2.03 -13.44 0.90
C HIS A 174 2.45 -13.37 2.34
N PHE A 175 1.56 -12.95 3.24
CA PHE A 175 1.93 -13.03 4.67
C PHE A 175 2.32 -14.48 4.98
N ASP A 176 1.47 -15.42 4.54
CA ASP A 176 1.67 -16.82 4.85
C ASP A 176 3.01 -17.30 4.36
N THR A 177 3.27 -17.03 3.12
CA THR A 177 4.48 -17.53 2.46
C THR A 177 5.73 -16.86 3.00
N ALA A 178 5.72 -15.52 3.11
CA ALA A 178 6.85 -14.81 3.64
C ALA A 178 7.19 -15.28 5.04
N ALA A 179 6.19 -15.39 5.90
CA ALA A 179 6.51 -15.79 7.27
C ALA A 179 7.04 -17.21 7.32
N ALA A 180 6.51 -18.10 6.52
CA ALA A 180 7.05 -19.45 6.42
C ALA A 180 8.55 -19.47 5.97
N VAL A 181 8.91 -18.63 5.02
CA VAL A 181 10.32 -18.49 4.63
C VAL A 181 11.16 -18.04 5.81
N LEU A 182 10.75 -16.98 6.49
CA LEU A 182 11.49 -16.51 7.61
C LEU A 182 11.65 -17.58 8.69
N ASN A 183 10.60 -18.35 8.90
CA ASN A 183 10.60 -19.35 9.98
C ASN A 183 11.51 -20.53 9.69
N GLU A 184 11.99 -20.63 8.48
CA GLU A 184 13.10 -21.57 8.10
C GLU A 184 14.46 -21.22 8.70
N PHE A 185 14.63 -19.97 9.18
CA PHE A 185 15.92 -19.44 9.55
C PHE A 185 15.94 -19.09 11.02
N PRO A 186 16.49 -20.02 11.84
CA PRO A 186 16.45 -19.74 13.24
C PRO A 186 17.36 -18.57 13.70
N LEU A 187 18.31 -18.16 12.91
CA LEU A 187 19.10 -17.00 13.29
C LEU A 187 18.37 -15.64 13.03
N VAL A 188 17.35 -15.65 12.19
CA VAL A 188 16.53 -14.45 12.06
C VAL A 188 15.71 -14.29 13.36
N LYS A 189 16.22 -13.49 14.29
CA LYS A 189 15.57 -13.24 15.54
C LYS A 189 14.67 -12.06 15.59
N PHE A 190 14.78 -11.10 14.69
CA PHE A 190 13.75 -10.09 14.62
C PHE A 190 13.37 -9.76 13.16
N VAL A 191 12.16 -9.26 13.00
CA VAL A 191 11.60 -8.89 11.69
C VAL A 191 11.04 -7.46 11.82
N THR A 192 11.60 -6.53 11.04
CA THR A 192 11.21 -5.17 11.03
C THR A 192 10.14 -4.92 9.91
N CYS A 193 8.91 -4.62 10.33
CA CYS A 193 7.78 -4.39 9.44
C CYS A 193 7.33 -2.94 9.68
N VAL A 194 7.44 -2.00 8.70
CA VAL A 194 7.71 -2.21 7.29
C VAL A 194 8.59 -1.14 6.74
N ASN A 195 9.23 -1.50 5.66
CA ASN A 195 9.87 -0.54 4.75
C ASN A 195 8.77 0.30 4.10
N SER A 196 9.17 1.24 3.26
CA SER A 196 8.18 2.06 2.52
C SER A 196 7.21 1.27 1.62
N VAL A 197 5.99 1.83 1.44
CA VAL A 197 5.00 1.30 0.57
C VAL A 197 5.47 1.70 -0.86
N GLY A 198 5.84 0.68 -1.60
CA GLY A 198 6.60 0.92 -2.80
C GLY A 198 5.91 1.65 -3.93
N ASN A 199 6.70 2.42 -4.67
CA ASN A 199 6.29 2.97 -6.01
C ASN A 199 4.95 3.62 -5.98
N GLY A 200 4.78 4.49 -5.00
CA GLY A 200 3.73 5.50 -5.07
C GLY A 200 4.08 6.65 -5.98
N LEU A 201 3.13 7.58 -6.18
CA LEU A 201 3.35 8.75 -7.02
C LEU A 201 2.69 9.93 -6.45
N VAL A 202 3.44 10.95 -6.05
CA VAL A 202 2.87 12.24 -5.60
C VAL A 202 2.98 13.26 -6.72
N ILE A 203 1.86 13.92 -6.96
CA ILE A 203 1.75 14.92 -8.02
C ILE A 203 1.30 16.24 -7.40
N ASP A 204 1.98 17.30 -7.75
CA ASP A 204 1.71 18.63 -7.25
C ASP A 204 0.69 19.28 -8.25
N ALA A 205 -0.51 19.56 -7.80
CA ALA A 205 -1.58 20.14 -8.67
C ALA A 205 -1.22 21.47 -9.33
N GLU A 206 -0.58 22.34 -8.59
CA GLU A 206 -0.24 23.65 -9.14
C GLU A 206 0.72 23.60 -10.31
N SER A 207 1.83 22.90 -10.11
CA SER A 207 2.86 22.81 -11.10
C SER A 207 2.58 21.67 -12.15
N GLU A 208 1.61 20.83 -11.89
CA GLU A 208 1.23 19.67 -12.68
C GLU A 208 2.35 18.72 -12.86
N SER A 209 3.19 18.62 -11.85
CA SER A 209 4.40 17.89 -11.97
C SER A 209 4.58 16.91 -10.78
N VAL A 210 5.25 15.80 -11.06
CA VAL A 210 5.76 14.88 -9.97
C VAL A 210 6.72 15.70 -9.08
N VAL A 211 7.02 15.19 -7.89
CA VAL A 211 7.78 15.98 -6.94
C VAL A 211 9.22 15.49 -6.65
N ILE A 212 9.57 14.32 -7.18
CA ILE A 212 10.91 13.82 -7.15
C ILE A 212 11.36 13.48 -8.53
N LYS A 213 12.65 13.54 -8.70
CA LYS A 213 13.27 13.45 -10.02
C LYS A 213 13.48 12.01 -10.53
N PRO A 214 13.99 11.11 -9.70
CA PRO A 214 14.24 9.75 -10.16
C PRO A 214 12.95 8.99 -10.48
N LYS A 215 13.04 8.01 -11.36
CA LYS A 215 11.94 7.05 -11.57
C LYS A 215 10.65 7.74 -12.02
N GLN A 216 10.79 8.86 -12.74
CA GLN A 216 9.63 9.62 -13.27
C GLN A 216 8.66 9.93 -12.14
N GLY A 217 9.22 10.14 -10.96
CA GLY A 217 8.44 10.53 -9.80
C GLY A 217 7.95 9.45 -8.88
N PHE A 218 8.17 8.17 -9.19
CA PHE A 218 7.70 7.06 -8.42
C PHE A 218 8.68 6.82 -7.25
N GLY A 219 8.12 6.65 -6.06
CA GLY A 219 9.01 6.29 -4.96
C GLY A 219 8.28 5.71 -3.80
N GLY A 220 9.04 5.37 -2.76
CA GLY A 220 8.41 4.75 -1.64
C GLY A 220 7.76 5.76 -0.69
N LEU A 221 6.63 5.33 -0.17
CA LEU A 221 5.78 6.18 0.67
C LEU A 221 6.02 5.86 2.10
N GLY A 222 6.04 6.89 2.89
CA GLY A 222 6.19 6.80 4.30
C GLY A 222 5.22 7.71 5.00
N GLY A 223 5.07 7.55 6.32
CA GLY A 223 4.27 8.44 7.09
C GLY A 223 2.84 8.08 7.29
N LYS A 224 1.98 9.12 7.44
CA LYS A 224 0.56 8.86 7.79
C LYS A 224 -0.18 7.99 6.76
N TYR A 225 0.22 8.06 5.49
CA TYR A 225 -0.34 7.17 4.50
C TYR A 225 -0.28 5.69 4.87
N ILE A 226 0.73 5.27 5.63
CA ILE A 226 1.06 3.85 5.68
C ILE A 226 0.83 3.19 7.06
N LEU A 227 0.22 3.88 8.03
CA LEU A 227 0.11 3.34 9.39
C LEU A 227 -0.72 2.08 9.44
N PRO A 228 -1.93 2.05 8.84
CA PRO A 228 -2.69 0.80 8.86
C PRO A 228 -2.04 -0.37 8.13
N THR A 229 -1.32 -0.08 7.06
CA THR A 229 -0.55 -1.09 6.34
C THR A 229 0.57 -1.59 7.26
N ALA A 230 1.28 -0.68 7.91
CA ALA A 230 2.36 -1.10 8.85
C ALA A 230 1.82 -1.97 10.01
N LEU A 231 0.67 -1.55 10.60
CA LEU A 231 0.09 -2.24 11.70
C LEU A 231 -0.31 -3.64 11.24
N ALA A 232 -0.89 -3.75 10.04
CA ALA A 232 -1.30 -5.05 9.53
C ALA A 232 -0.06 -5.97 9.42
N ASN A 233 1.05 -5.44 8.91
CA ASN A 233 2.20 -6.29 8.70
C ASN A 233 2.83 -6.68 10.04
N VAL A 234 2.89 -5.74 10.97
CA VAL A 234 3.46 -6.07 12.32
C VAL A 234 2.62 -7.23 12.88
N ASN A 235 1.32 -7.08 12.86
CA ASN A 235 0.47 -8.09 13.47
C ASN A 235 0.49 -9.41 12.73
N ALA A 236 0.51 -9.37 11.40
CA ALA A 236 0.56 -10.60 10.62
C ALA A 236 1.78 -11.40 10.94
N PHE A 237 2.94 -10.73 11.00
CA PHE A 237 4.18 -11.41 11.34
C PHE A 237 4.27 -11.79 12.79
N TYR A 238 3.69 -11.00 13.66
CA TYR A 238 3.69 -11.31 15.11
C TYR A 238 2.95 -12.57 15.28
N ARG A 239 1.78 -12.67 14.63
CA ARG A 239 1.00 -13.90 14.77
C ARG A 239 1.71 -15.11 14.11
N ARG A 240 2.40 -14.91 13.04
CA ARG A 240 2.94 -16.05 12.29
C ARG A 240 4.35 -16.46 12.74
N CYS A 241 5.08 -15.59 13.46
CA CYS A 241 6.48 -15.92 13.80
C CYS A 241 6.66 -15.90 15.28
N PRO A 242 6.18 -16.95 15.98
CA PRO A 242 6.03 -16.80 17.44
C PRO A 242 7.38 -16.89 18.15
N ASP A 243 8.38 -17.37 17.46
CA ASP A 243 9.70 -17.45 18.05
C ASP A 243 10.60 -16.34 17.65
N LYS A 244 10.08 -15.30 16.98
CA LYS A 244 10.83 -14.09 16.57
C LYS A 244 10.24 -12.86 17.22
N LEU A 245 11.05 -11.80 17.30
CA LEU A 245 10.61 -10.48 17.70
C LEU A 245 10.13 -9.77 16.42
N VAL A 246 9.16 -8.87 16.58
CA VAL A 246 8.73 -7.97 15.52
C VAL A 246 9.00 -6.57 15.99
N PHE A 247 9.68 -5.81 15.13
CA PHE A 247 9.90 -4.39 15.27
C PHE A 247 8.92 -3.67 14.32
N GLY A 248 8.25 -2.63 14.83
CA GLY A 248 7.31 -1.85 14.00
C GLY A 248 7.91 -0.63 13.43
N CYS A 249 7.55 -0.32 12.19
CA CYS A 249 8.08 0.85 11.51
C CYS A 249 6.93 1.22 10.53
N GLY A 250 6.50 2.47 10.58
CA GLY A 250 5.58 3.02 9.60
C GLY A 250 4.48 3.85 10.25
N GLY A 251 4.47 5.13 9.87
CA GLY A 251 3.44 6.04 10.33
C GLY A 251 3.45 6.49 11.76
N VAL A 252 4.58 6.33 12.50
CA VAL A 252 4.61 6.77 13.87
C VAL A 252 4.96 8.23 13.92
N TYR A 253 3.97 9.05 14.34
CA TYR A 253 4.13 10.44 14.67
C TYR A 253 3.87 10.74 16.17
N SER A 254 3.33 9.83 16.95
CA SER A 254 2.85 10.18 18.31
C SER A 254 3.00 8.94 19.18
N GLY A 255 2.90 9.17 20.50
CA GLY A 255 2.90 8.06 21.47
C GLY A 255 1.71 7.12 21.18
N GLU A 256 0.60 7.67 20.73
CA GLU A 256 -0.53 6.81 20.40
C GLU A 256 -0.25 5.93 19.22
N ASP A 257 0.38 6.45 18.18
CA ASP A 257 0.71 5.55 17.07
C ASP A 257 1.66 4.43 17.53
N ALA A 258 2.61 4.76 18.41
CA ALA A 258 3.53 3.77 18.98
C ALA A 258 2.78 2.71 19.77
N PHE A 259 1.83 3.18 20.59
CA PHE A 259 0.95 2.29 21.36
C PHE A 259 0.22 1.31 20.50
N LEU A 260 -0.29 1.75 19.35
CA LEU A 260 -0.88 0.83 18.40
C LEU A 260 0.04 -0.16 17.85
N HIS A 261 1.22 0.29 17.42
CA HIS A 261 2.21 -0.65 16.94
C HIS A 261 2.50 -1.76 17.97
N ILE A 262 2.63 -1.33 19.23
CA ILE A 262 2.94 -2.26 20.32
C ILE A 262 1.77 -3.19 20.59
N LEU A 263 0.54 -2.68 20.62
CA LEU A 263 -0.61 -3.60 20.69
C LEU A 263 -0.63 -4.61 19.59
N ALA A 264 -0.20 -4.23 18.38
CA ALA A 264 0.00 -5.14 17.26
C ALA A 264 1.08 -6.17 17.39
N GLY A 265 2.01 -5.93 18.30
CA GLY A 265 3.05 -6.87 18.62
C GLY A 265 4.48 -6.33 18.54
N ALA A 266 4.64 -5.06 18.26
CA ALA A 266 5.95 -4.46 18.09
C ALA A 266 6.74 -4.49 19.40
N SER A 267 8.03 -4.83 19.32
CA SER A 267 8.92 -4.64 20.44
C SER A 267 9.57 -3.24 20.38
N MET A 268 10.48 -3.05 19.45
CA MET A 268 11.04 -1.74 19.19
C MET A 268 10.13 -1.05 18.16
N VAL A 269 10.16 0.25 18.13
CA VAL A 269 9.34 1.03 17.27
C VAL A 269 10.22 2.06 16.58
N GLN A 270 10.28 1.99 15.28
CA GLN A 270 11.13 2.89 14.55
C GLN A 270 10.32 4.07 14.00
N VAL A 271 11.04 5.18 13.72
CA VAL A 271 10.47 6.41 13.33
C VAL A 271 11.28 6.96 12.18
N GLY A 272 10.62 7.09 11.02
CA GLY A 272 11.23 7.57 9.79
C GLY A 272 10.75 8.98 9.46
N THR A 273 9.75 9.07 8.60
CA THR A 273 9.26 10.37 8.15
C THR A 273 9.12 11.39 9.28
N ALA A 274 8.55 11.01 10.41
CA ALA A 274 8.20 12.06 11.42
C ALA A 274 9.48 12.58 12.03
N LEU A 275 10.48 11.70 12.17
CA LEU A 275 11.81 12.08 12.61
C LEU A 275 12.54 12.99 11.57
N GLN A 276 12.52 12.56 10.32
CA GLN A 276 13.01 13.43 9.23
C GLN A 276 12.43 14.83 9.31
N GLU A 277 11.14 14.94 9.63
CA GLU A 277 10.47 16.22 9.64
C GLU A 277 10.63 16.99 10.89
N GLU A 278 10.61 16.36 12.06
CA GLU A 278 10.56 17.03 13.34
C GLU A 278 11.93 17.11 13.96
N GLY A 279 12.80 16.19 13.59
CA GLY A 279 14.13 16.11 14.19
C GLY A 279 14.15 15.26 15.47
N PRO A 280 15.33 15.13 16.12
CA PRO A 280 15.48 14.15 17.22
C PRO A 280 14.77 14.46 18.49
N GLY A 281 14.39 15.70 18.64
CA GLY A 281 13.46 16.09 19.69
C GLY A 281 12.24 15.24 19.79
N ILE A 282 11.85 14.67 18.68
CA ILE A 282 10.59 13.89 18.66
C ILE A 282 10.68 12.78 19.71
N PHE A 283 11.88 12.26 19.97
CA PHE A 283 11.93 11.12 20.87
C PHE A 283 11.45 11.39 22.29
N THR A 284 11.72 12.59 22.83
CA THR A 284 11.22 12.93 24.19
C THR A 284 9.71 13.04 24.18
N ARG A 285 9.18 13.52 23.08
CA ARG A 285 7.76 13.77 22.99
C ARG A 285 7.10 12.42 22.91
N LEU A 286 7.67 11.51 22.14
CA LEU A 286 7.03 10.21 21.95
C LEU A 286 7.04 9.43 23.24
N GLU A 287 8.14 9.51 23.96
CA GLU A 287 8.22 8.86 25.27
C GLU A 287 7.19 9.36 26.27
N ASP A 288 7.09 10.66 26.37
CA ASP A 288 6.10 11.33 27.19
C ASP A 288 4.67 10.94 26.83
N GLU A 289 4.31 10.97 25.54
CA GLU A 289 2.99 10.64 25.05
C GLU A 289 2.64 9.18 25.30
N LEU A 290 3.59 8.28 25.13
CA LEU A 290 3.33 6.91 25.36
C LEU A 290 3.15 6.64 26.88
N LEU A 291 3.99 7.26 27.71
CA LEU A 291 3.86 7.07 29.15
C LEU A 291 2.54 7.67 29.63
N GLU A 292 2.07 8.74 29.01
CA GLU A 292 0.80 9.27 29.39
C GLU A 292 -0.33 8.32 29.06
N ILE A 293 -0.26 7.64 27.90
CA ILE A 293 -1.32 6.70 27.56
C ILE A 293 -1.28 5.53 28.50
N MET A 294 -0.07 5.04 28.76
CA MET A 294 0.08 3.95 29.73
C MET A 294 -0.51 4.30 31.14
N ALA A 295 -0.26 5.48 31.61
CA ALA A 295 -0.75 5.85 32.91
C ALA A 295 -2.25 5.93 32.99
N ARG A 296 -2.87 6.44 31.95
CA ARG A 296 -4.32 6.48 31.87
C ARG A 296 -4.97 5.10 31.90
N LYS A 297 -4.31 4.10 31.34
CA LYS A 297 -4.82 2.80 31.22
C LYS A 297 -4.30 1.91 32.31
N GLY A 298 -3.49 2.44 33.20
CA GLY A 298 -2.93 1.65 34.28
C GLY A 298 -1.87 0.63 33.85
N TYR A 299 -1.23 0.80 32.71
CA TYR A 299 -0.17 -0.13 32.26
C TYR A 299 1.18 0.35 32.83
N ARG A 300 1.91 -0.57 33.45
CA ARG A 300 3.22 -0.22 34.01
C ARG A 300 4.45 -0.58 33.16
N THR A 301 4.26 -1.55 32.31
CA THR A 301 5.25 -2.01 31.38
C THR A 301 4.70 -2.29 29.95
N LEU A 302 5.61 -2.36 29.01
CA LEU A 302 5.25 -2.63 27.63
C LEU A 302 4.67 -4.06 27.45
N GLU A 303 5.26 -5.02 28.19
CA GLU A 303 4.85 -6.41 28.10
C GLU A 303 3.40 -6.54 28.48
N GLU A 304 2.91 -5.64 29.31
CA GLU A 304 1.53 -5.78 29.72
C GLU A 304 0.54 -5.67 28.55
N PHE A 305 0.93 -4.96 27.50
CA PHE A 305 0.07 -4.81 26.34
C PHE A 305 0.59 -5.23 24.96
N ARG A 306 1.88 -5.57 24.85
CA ARG A 306 2.44 -5.88 23.58
C ARG A 306 1.69 -7.09 22.99
N GLY A 307 1.21 -6.98 21.77
CA GLY A 307 0.53 -8.04 21.09
C GLY A 307 -0.89 -8.30 21.56
N ARG A 308 -1.44 -7.47 22.44
CA ARG A 308 -2.72 -7.77 23.00
C ARG A 308 -3.88 -7.04 22.32
N VAL A 309 -3.68 -6.64 21.08
CA VAL A 309 -4.79 -6.09 20.30
C VAL A 309 -5.97 -7.05 20.38
N LYS A 310 -7.16 -6.54 20.58
CA LYS A 310 -8.34 -7.38 20.68
C LYS A 310 -8.95 -7.50 19.32
N THR A 311 -9.54 -8.63 19.06
CA THR A 311 -10.40 -8.82 17.87
C THR A 311 -11.86 -8.89 18.30
N ILE A 312 -12.77 -8.71 17.38
CA ILE A 312 -14.16 -8.66 17.69
C ILE A 312 -14.77 -10.06 17.55
N GLU A 313 -15.36 -10.55 18.66
CA GLU A 313 -16.14 -11.87 18.74
C GLU A 313 -15.49 -13.02 18.04
N MET B 1 -18.41 26.20 -20.21
CA MET B 1 -17.55 24.98 -19.96
C MET B 1 -18.39 23.86 -19.36
N CYS B 2 -18.39 22.74 -20.05
CA CYS B 2 -19.01 21.52 -19.53
C CYS B 2 -17.93 20.44 -19.72
N LEU B 3 -18.02 19.40 -18.87
CA LEU B 3 -17.00 18.34 -18.70
C LEU B 3 -17.41 17.11 -19.48
N LYS B 4 -18.34 17.25 -20.49
CA LYS B 4 -18.85 16.15 -21.30
C LYS B 4 -17.69 15.46 -22.05
N LEU B 5 -17.74 14.13 -22.19
CA LEU B 5 -16.79 13.27 -22.90
C LEU B 5 -17.43 11.97 -23.48
N ASN B 6 -16.72 11.34 -24.39
CA ASN B 6 -17.18 10.22 -25.15
C ASN B 6 -16.14 9.17 -25.03
N LEU B 7 -16.49 7.96 -24.61
CA LEU B 7 -15.62 6.80 -24.71
C LEU B 7 -16.31 5.47 -24.68
N LEU B 8 -15.64 4.47 -25.20
CA LEU B 8 -16.24 3.16 -25.31
C LEU B 8 -17.59 3.27 -26.06
N ASP B 9 -17.67 4.17 -27.00
CA ASP B 9 -18.90 4.36 -27.77
C ASP B 9 -20.10 4.84 -26.93
N HIS B 10 -19.82 5.48 -25.83
CA HIS B 10 -20.84 6.05 -25.01
C HIS B 10 -20.53 7.50 -24.72
N VAL B 11 -21.53 8.32 -24.41
CA VAL B 11 -21.30 9.67 -24.04
C VAL B 11 -21.51 9.82 -22.54
N PHE B 12 -20.64 10.60 -21.89
CA PHE B 12 -20.70 10.80 -20.44
C PHE B 12 -20.71 12.32 -20.22
N ALA B 13 -21.56 12.77 -19.34
CA ALA B 13 -21.72 14.20 -19.05
C ALA B 13 -20.53 14.72 -18.27
N ASN B 14 -19.85 13.84 -17.55
CA ASN B 14 -18.66 14.24 -16.82
C ASN B 14 -17.93 12.90 -16.49
N PRO B 15 -16.68 12.98 -16.02
CA PRO B 15 -15.92 11.77 -15.84
C PRO B 15 -16.17 11.00 -14.51
N PHE B 16 -17.04 11.52 -13.65
CA PHE B 16 -17.24 10.94 -12.35
C PHE B 16 -18.23 9.78 -12.29
N MET B 17 -17.99 8.79 -11.40
CA MET B 17 -18.92 7.69 -11.16
C MET B 17 -18.60 7.16 -9.78
N ASN B 18 -19.48 6.35 -9.22
CA ASN B 18 -19.13 5.64 -8.02
C ASN B 18 -18.07 4.61 -8.31
N ALA B 19 -17.38 4.21 -7.26
CA ALA B 19 -16.54 3.04 -7.28
C ALA B 19 -17.41 1.84 -7.00
N ALA B 20 -17.09 0.69 -7.64
CA ALA B 20 -17.88 -0.51 -7.40
C ALA B 20 -17.88 -0.85 -5.93
N GLY B 21 -19.08 -1.24 -5.49
CA GLY B 21 -19.32 -1.54 -4.09
C GLY B 21 -19.89 -0.45 -3.25
N VAL B 22 -19.76 0.80 -3.69
CA VAL B 22 -20.34 1.90 -2.96
C VAL B 22 -21.65 2.43 -3.58
N LEU B 23 -22.72 2.46 -2.81
CA LEU B 23 -24.00 2.99 -3.26
C LEU B 23 -24.50 2.38 -4.54
N CYS B 24 -24.31 1.06 -4.68
CA CYS B 24 -24.73 0.34 -5.89
C CYS B 24 -25.28 -1.09 -5.72
N SER B 25 -25.67 -1.47 -4.51
CA SER B 25 -25.99 -2.86 -4.24
C SER B 25 -27.45 -3.27 -4.48
N THR B 26 -28.31 -2.33 -4.20
CA THR B 26 -29.73 -2.56 -4.24
C THR B 26 -30.36 -1.70 -5.33
N GLU B 27 -31.60 -2.03 -5.66
CA GLU B 27 -32.30 -1.26 -6.69
C GLU B 27 -32.39 0.23 -6.29
N GLU B 28 -32.70 0.40 -5.02
CA GLU B 28 -32.69 1.74 -4.38
C GLU B 28 -31.38 2.50 -4.57
N ASP B 29 -30.25 1.83 -4.29
CA ASP B 29 -28.93 2.40 -4.50
C ASP B 29 -28.68 2.82 -5.96
N LEU B 30 -29.00 1.94 -6.87
CA LEU B 30 -28.78 2.20 -8.31
C LEU B 30 -29.64 3.30 -8.82
N ARG B 31 -30.87 3.37 -8.34
CA ARG B 31 -31.73 4.53 -8.68
C ARG B 31 -31.21 5.88 -8.14
N CYS B 32 -30.66 5.85 -6.94
CA CYS B 32 -30.04 7.00 -6.33
C CYS B 32 -28.83 7.44 -7.11
N MET B 33 -27.94 6.51 -7.46
CA MET B 33 -26.77 6.86 -8.25
C MET B 33 -27.20 7.36 -9.65
N THR B 34 -28.25 6.78 -10.18
CA THR B 34 -28.79 7.29 -11.46
C THR B 34 -29.32 8.73 -11.37
N ALA B 35 -30.00 9.06 -10.30
CA ALA B 35 -30.59 10.40 -10.09
C ALA B 35 -29.50 11.43 -9.74
N SER B 36 -28.32 10.97 -9.33
CA SER B 36 -27.22 11.87 -9.04
C SER B 36 -26.66 12.55 -10.29
N SER B 37 -25.76 13.48 -10.04
CA SER B 37 -25.05 14.17 -11.10
C SER B 37 -23.89 13.41 -11.65
N SER B 38 -23.67 12.18 -11.21
CA SER B 38 -22.52 11.44 -11.74
C SER B 38 -22.67 11.26 -13.25
N GLY B 39 -21.52 11.11 -13.93
CA GLY B 39 -21.52 10.84 -15.30
C GLY B 39 -21.85 9.41 -15.66
N ALA B 40 -21.69 8.50 -14.74
CA ALA B 40 -22.04 7.09 -14.96
C ALA B 40 -22.17 6.43 -13.57
N LEU B 41 -22.53 5.15 -13.57
CA LEU B 41 -22.56 4.34 -12.37
C LEU B 41 -22.14 2.95 -12.67
N VAL B 42 -21.66 2.25 -11.65
CA VAL B 42 -21.29 0.81 -11.67
C VAL B 42 -22.02 0.06 -10.55
N SER B 43 -22.50 -1.15 -10.88
CA SER B 43 -23.20 -1.97 -9.90
C SER B 43 -22.19 -2.64 -8.94
N LYS B 44 -22.65 -3.09 -7.79
CA LYS B 44 -21.83 -3.86 -6.81
C LYS B 44 -21.31 -5.14 -7.56
N SER B 45 -20.06 -5.52 -7.38
CA SER B 45 -19.53 -6.81 -7.89
C SER B 45 -20.44 -7.98 -7.44
N CYS B 46 -20.79 -8.82 -8.44
CA CYS B 46 -21.76 -9.89 -8.22
C CYS B 46 -21.22 -11.27 -8.46
N THR B 47 -21.84 -12.18 -7.76
CA THR B 47 -21.64 -13.58 -7.90
C THR B 47 -22.91 -14.20 -8.55
N SER B 48 -22.83 -15.47 -8.94
CA SER B 48 -23.96 -16.08 -9.59
C SER B 48 -25.13 -16.09 -8.67
N ALA B 49 -24.81 -16.39 -7.42
CA ALA B 49 -25.80 -16.48 -6.37
C ALA B 49 -25.70 -15.30 -5.38
N PRO B 50 -26.90 -14.99 -4.74
CA PRO B 50 -26.79 -13.92 -3.73
C PRO B 50 -25.84 -14.25 -2.61
N ARG B 51 -25.24 -13.23 -1.98
CA ARG B 51 -24.43 -13.42 -0.82
C ARG B 51 -24.78 -12.38 0.27
N ASP B 52 -24.87 -12.88 1.49
CA ASP B 52 -24.96 -12.07 2.70
C ASP B 52 -23.66 -11.30 3.04
N GLY B 53 -22.53 -11.86 2.64
CA GLY B 53 -21.26 -11.31 3.00
C GLY B 53 -20.94 -11.57 4.46
N ASN B 54 -19.92 -10.90 4.94
CA ASN B 54 -19.36 -11.03 6.25
C ASN B 54 -20.14 -10.38 7.36
N PRO B 55 -19.80 -10.91 8.61
CA PRO B 55 -20.47 -10.29 9.75
C PRO B 55 -20.10 -8.85 10.02
N GLU B 56 -21.01 -8.08 10.62
CA GLU B 56 -20.83 -6.67 10.91
C GLU B 56 -20.18 -6.52 12.31
N PRO B 57 -19.45 -5.43 12.54
CA PRO B 57 -19.14 -4.35 11.62
C PRO B 57 -18.10 -4.82 10.60
N ARG B 58 -18.27 -4.41 9.33
CA ARG B 58 -17.44 -4.85 8.22
C ARG B 58 -16.88 -3.65 7.36
N TYR B 59 -17.31 -2.41 7.69
CA TYR B 59 -16.84 -1.19 7.08
C TYR B 59 -16.72 -0.15 8.16
N MET B 60 -15.62 0.57 8.18
CA MET B 60 -15.51 1.73 9.08
C MET B 60 -14.70 2.81 8.42
N ALA B 61 -15.06 4.07 8.69
CA ALA B 61 -14.35 5.18 8.13
C ALA B 61 -13.81 6.14 9.16
N PHE B 62 -12.73 6.80 8.81
CA PHE B 62 -11.99 7.72 9.67
C PHE B 62 -11.54 8.88 8.85
N PRO B 63 -10.93 9.90 9.48
CA PRO B 63 -10.57 11.10 8.80
C PRO B 63 -9.76 10.80 7.61
N LEU B 64 -8.80 9.86 7.73
CA LEU B 64 -7.95 9.57 6.57
C LEU B 64 -8.43 8.47 5.57
N GLY B 65 -9.50 7.78 5.86
CA GLY B 65 -9.99 6.87 4.91
C GLY B 65 -10.85 5.79 5.50
N SER B 66 -10.92 4.65 4.87
CA SER B 66 -11.80 3.57 5.29
C SER B 66 -11.12 2.21 5.26
N ILE B 67 -11.71 1.27 5.98
CA ILE B 67 -11.31 -0.11 5.91
C ILE B 67 -12.58 -0.97 5.78
N ASN B 68 -12.49 -1.99 4.94
CA ASN B 68 -13.67 -2.88 4.75
C ASN B 68 -13.28 -4.27 4.51
N SER B 69 -14.10 -5.20 5.04
CA SER B 69 -14.02 -6.55 4.63
C SER B 69 -15.46 -6.98 4.47
N MET B 70 -16.12 -6.43 3.43
CA MET B 70 -17.53 -6.69 3.31
C MET B 70 -17.86 -8.16 3.05
N GLY B 71 -17.02 -8.83 2.30
CA GLY B 71 -17.30 -10.17 1.88
C GLY B 71 -18.18 -10.39 0.67
N LEU B 72 -18.16 -9.44 -0.27
CA LEU B 72 -18.96 -9.50 -1.47
C LEU B 72 -20.43 -9.79 -1.25
N PRO B 73 -21.01 -9.09 -0.30
CA PRO B 73 -22.47 -9.18 -0.21
C PRO B 73 -23.12 -8.62 -1.48
N ASN B 74 -24.14 -9.26 -2.03
CA ASN B 74 -24.71 -8.76 -3.30
C ASN B 74 -25.98 -9.53 -3.53
N LEU B 75 -26.83 -8.98 -4.39
CA LEU B 75 -28.10 -9.55 -4.64
C LEU B 75 -28.09 -10.72 -5.69
N GLY B 76 -26.93 -11.04 -6.22
CA GLY B 76 -26.79 -12.04 -7.21
C GLY B 76 -26.93 -11.51 -8.63
N PHE B 77 -26.27 -12.20 -9.52
CA PHE B 77 -26.18 -11.80 -10.92
C PHE B 77 -27.55 -11.62 -11.58
N ASP B 78 -28.50 -12.48 -11.29
CA ASP B 78 -29.81 -12.34 -11.95
C ASP B 78 -30.42 -10.93 -11.72
N PHE B 79 -30.22 -10.43 -10.51
CA PHE B 79 -30.72 -9.11 -10.11
C PHE B 79 -30.02 -7.98 -10.90
N TYR B 80 -28.71 -7.99 -10.96
CA TYR B 80 -27.98 -6.93 -11.65
C TYR B 80 -28.26 -6.99 -13.16
N LEU B 81 -28.35 -8.21 -13.69
CA LEU B 81 -28.68 -8.37 -15.10
C LEU B 81 -30.06 -7.80 -15.46
N LYS B 82 -31.04 -8.06 -14.63
CA LYS B 82 -32.40 -7.56 -14.81
C LYS B 82 -32.41 -6.08 -14.65
N TYR B 83 -31.63 -5.57 -13.68
CA TYR B 83 -31.43 -4.10 -13.64
C TYR B 83 -30.92 -3.50 -14.95
N ALA B 84 -29.87 -4.12 -15.48
CA ALA B 84 -29.27 -3.66 -16.72
C ALA B 84 -30.27 -3.77 -17.91
N SER B 85 -31.03 -4.86 -17.89
CA SER B 85 -31.87 -5.24 -19.03
C SER B 85 -33.21 -4.53 -19.05
N ASP B 86 -33.81 -4.34 -17.89
CA ASP B 86 -35.17 -3.84 -17.76
C ASP B 86 -35.38 -2.55 -17.00
N LEU B 87 -34.53 -2.22 -16.02
CA LEU B 87 -34.79 -1.10 -15.06
C LEU B 87 -33.95 0.18 -15.33
N HIS B 88 -32.72 0.02 -15.79
CA HIS B 88 -31.86 1.17 -15.92
C HIS B 88 -32.30 2.06 -17.04
N ASP B 89 -32.30 3.35 -16.79
CA ASP B 89 -32.67 4.30 -17.81
C ASP B 89 -31.41 4.77 -18.51
N TYR B 90 -31.12 4.20 -19.67
CA TYR B 90 -29.88 4.57 -20.34
C TYR B 90 -29.86 6.03 -20.90
N SER B 91 -31.01 6.70 -20.97
CA SER B 91 -31.00 8.09 -21.36
C SER B 91 -30.36 8.98 -20.26
N LYS B 92 -30.28 8.51 -18.99
CA LYS B 92 -29.73 9.33 -17.89
C LYS B 92 -28.23 9.29 -17.90
N LYS B 93 -27.68 8.10 -18.08
CA LYS B 93 -26.21 7.93 -18.10
C LYS B 93 -25.87 6.46 -18.33
N PRO B 94 -24.60 6.17 -18.71
CA PRO B 94 -24.18 4.81 -18.93
C PRO B 94 -24.12 3.99 -17.61
N LEU B 95 -24.26 2.69 -17.77
CA LEU B 95 -24.14 1.72 -16.71
C LEU B 95 -23.01 0.71 -16.96
N PHE B 96 -22.24 0.50 -15.89
CA PHE B 96 -21.29 -0.54 -15.83
C PHE B 96 -21.79 -1.59 -14.85
N LEU B 97 -21.63 -2.86 -15.22
CA LEU B 97 -21.94 -3.96 -14.34
C LEU B 97 -20.62 -4.67 -13.94
N SER B 98 -20.41 -4.78 -12.63
CA SER B 98 -19.21 -5.41 -12.14
C SER B 98 -19.51 -6.88 -11.79
N ILE B 99 -18.62 -7.75 -12.20
CA ILE B 99 -18.74 -9.19 -11.97
C ILE B 99 -17.53 -9.63 -11.18
N SER B 100 -17.74 -10.47 -10.16
CA SER B 100 -16.63 -11.03 -9.39
C SER B 100 -16.95 -12.49 -8.98
N GLY B 101 -16.95 -13.39 -9.95
CA GLY B 101 -17.20 -14.83 -9.67
C GLY B 101 -16.05 -15.37 -8.83
N LEU B 102 -16.35 -16.48 -8.11
CA LEU B 102 -15.36 -17.13 -7.26
C LEU B 102 -14.45 -18.10 -8.05
N SER B 103 -14.77 -18.30 -9.32
CA SER B 103 -13.93 -19.11 -10.21
C SER B 103 -14.07 -18.60 -11.59
N VAL B 104 -13.14 -19.02 -12.45
CA VAL B 104 -13.22 -18.71 -13.82
C VAL B 104 -14.52 -19.16 -14.45
N GLU B 105 -14.98 -20.36 -14.10
CA GLU B 105 -16.21 -20.87 -14.70
C GLU B 105 -17.44 -20.02 -14.40
N GLU B 106 -17.53 -19.58 -13.17
CA GLU B 106 -18.64 -18.73 -12.73
C GLU B 106 -18.61 -17.41 -13.51
N ASN B 107 -17.41 -16.84 -13.63
CA ASN B 107 -17.29 -15.66 -14.52
C ASN B 107 -17.73 -15.92 -15.94
N VAL B 108 -17.28 -17.03 -16.53
CA VAL B 108 -17.68 -17.35 -17.91
C VAL B 108 -19.22 -17.46 -18.02
N ALA B 109 -19.86 -18.12 -17.07
CA ALA B 109 -21.29 -18.31 -17.11
C ALA B 109 -22.08 -16.96 -17.06
N MET B 110 -21.60 -16.05 -16.22
CA MET B 110 -22.20 -14.70 -16.09
C MET B 110 -21.95 -13.94 -17.39
N VAL B 111 -20.68 -13.90 -17.89
CA VAL B 111 -20.46 -13.07 -19.08
C VAL B 111 -21.22 -13.55 -20.37
N ARG B 112 -21.39 -14.88 -20.54
CA ARG B 112 -22.22 -15.38 -21.68
C ARG B 112 -23.61 -14.81 -21.67
N ARG B 113 -24.15 -14.68 -20.47
CA ARG B 113 -25.52 -14.13 -20.29
C ARG B 113 -25.54 -12.61 -20.40
N LEU B 114 -24.44 -11.95 -20.05
CA LEU B 114 -24.39 -10.54 -20.11
C LEU B 114 -24.24 -10.08 -21.56
N ALA B 115 -23.53 -10.82 -22.39
CA ALA B 115 -23.23 -10.37 -23.71
C ALA B 115 -24.41 -9.83 -24.56
N PRO B 116 -25.53 -10.58 -24.62
CA PRO B 116 -26.64 -10.07 -25.48
C PRO B 116 -27.29 -8.81 -24.94
N VAL B 117 -27.26 -8.64 -23.62
CA VAL B 117 -27.74 -7.39 -22.96
C VAL B 117 -26.77 -6.21 -23.25
N ALA B 118 -25.48 -6.49 -23.21
CA ALA B 118 -24.46 -5.50 -23.58
C ALA B 118 -24.67 -5.12 -25.03
N GLN B 119 -24.94 -6.10 -25.91
CA GLN B 119 -25.24 -5.76 -27.32
C GLN B 119 -26.49 -4.94 -27.47
N GLU B 120 -27.55 -5.33 -26.79
CA GLU B 120 -28.87 -4.70 -26.98
C GLU B 120 -28.95 -3.32 -26.28
N LYS B 121 -28.45 -3.23 -25.04
CA LYS B 121 -28.65 -2.06 -24.18
C LYS B 121 -27.41 -1.17 -24.00
N GLY B 122 -26.24 -1.73 -24.23
CA GLY B 122 -25.04 -0.94 -24.14
C GLY B 122 -24.48 -0.98 -22.69
N VAL B 123 -25.02 -1.77 -21.76
CA VAL B 123 -24.29 -2.00 -20.43
C VAL B 123 -22.83 -2.44 -20.70
N LEU B 124 -21.90 -1.92 -19.89
CA LEU B 124 -20.48 -2.20 -20.04
C LEU B 124 -19.97 -3.08 -18.90
N LEU B 125 -19.13 -4.01 -19.20
CA LEU B 125 -18.61 -4.94 -18.16
C LEU B 125 -17.30 -4.43 -17.51
N GLU B 126 -17.28 -4.45 -16.19
CA GLU B 126 -16.05 -4.33 -15.35
C GLU B 126 -15.87 -5.63 -14.62
N LEU B 127 -14.79 -6.36 -15.01
CA LEU B 127 -14.47 -7.57 -14.42
C LEU B 127 -13.52 -7.36 -13.24
N ASN B 128 -13.97 -7.72 -12.04
CA ASN B 128 -13.24 -7.52 -10.80
C ASN B 128 -12.31 -8.71 -10.51
N LEU B 129 -11.01 -8.53 -10.77
CA LEU B 129 -10.00 -9.54 -10.43
C LEU B 129 -9.62 -9.75 -8.98
N SER B 130 -10.19 -9.01 -8.02
CA SER B 130 -10.05 -9.36 -6.54
C SER B 130 -11.19 -10.23 -5.94
N CYS B 131 -10.89 -11.14 -5.00
CA CYS B 131 -11.83 -12.18 -4.51
C CYS B 131 -11.53 -12.52 -2.99
N PRO B 132 -12.49 -13.17 -2.26
CA PRO B 132 -12.09 -13.54 -0.84
C PRO B 132 -10.79 -14.39 -0.76
N ASN B 133 -10.02 -14.32 0.35
CA ASN B 133 -8.78 -15.17 0.54
C ASN B 133 -9.15 -16.68 0.39
N VAL B 134 -8.30 -17.42 -0.33
CA VAL B 134 -8.33 -18.89 -0.32
C VAL B 134 -6.92 -19.29 0.23
N PRO B 135 -6.89 -19.92 1.43
CA PRO B 135 -5.53 -20.22 1.95
C PRO B 135 -4.68 -20.98 0.89
N GLY B 136 -3.42 -20.59 0.75
CA GLY B 136 -2.53 -21.29 -0.18
C GLY B 136 -2.45 -20.69 -1.58
N LYS B 137 -3.28 -19.71 -1.96
CA LYS B 137 -3.11 -19.03 -3.29
C LYS B 137 -3.43 -17.50 -3.26
N PRO B 138 -2.68 -16.66 -3.99
CA PRO B 138 -2.89 -15.20 -3.93
C PRO B 138 -4.13 -14.78 -4.75
N GLN B 139 -4.58 -13.57 -4.58
CA GLN B 139 -5.72 -13.03 -5.30
C GLN B 139 -5.31 -13.16 -6.76
N VAL B 140 -6.27 -13.33 -7.65
CA VAL B 140 -5.98 -13.62 -9.03
C VAL B 140 -5.02 -12.63 -9.70
N ALA B 141 -5.21 -11.34 -9.43
CA ALA B 141 -4.34 -10.35 -10.15
C ALA B 141 -2.94 -10.29 -9.66
N TYR B 142 -2.69 -10.98 -8.52
CA TYR B 142 -1.34 -11.20 -8.01
C TYR B 142 -0.71 -12.56 -8.38
N ASP B 143 -1.41 -13.30 -9.21
CA ASP B 143 -0.97 -14.57 -9.81
C ASP B 143 -1.12 -14.44 -11.33
N PHE B 144 -0.02 -14.08 -12.00
CA PHE B 144 -0.13 -13.60 -13.41
C PHE B 144 -0.65 -14.67 -14.35
N GLU B 145 -0.32 -15.93 -14.09
CA GLU B 145 -0.82 -17.03 -14.90
C GLU B 145 -2.30 -17.21 -14.72
N ALA B 146 -2.79 -17.12 -13.49
CA ALA B 146 -4.23 -17.17 -13.30
C ALA B 146 -4.96 -16.00 -13.93
N MET B 147 -4.37 -14.79 -13.82
CA MET B 147 -4.97 -13.64 -14.47
C MET B 147 -5.07 -13.81 -15.98
N ARG B 148 -4.01 -14.31 -16.61
CA ARG B 148 -4.01 -14.57 -18.06
C ARG B 148 -5.12 -15.59 -18.42
N THR B 149 -5.28 -16.60 -17.59
CA THR B 149 -6.40 -17.56 -17.78
C THR B 149 -7.78 -16.95 -17.68
N TYR B 150 -7.99 -16.16 -16.63
CA TYR B 150 -9.27 -15.57 -16.50
C TYR B 150 -9.56 -14.72 -17.72
N LEU B 151 -8.57 -13.94 -18.16
CA LEU B 151 -8.83 -13.01 -19.23
C LEU B 151 -9.01 -13.72 -20.54
N GLN B 152 -8.26 -14.79 -20.73
CA GLN B 152 -8.48 -15.60 -22.00
C GLN B 152 -9.89 -16.12 -22.08
N GLN B 153 -10.32 -16.69 -20.96
CA GLN B 153 -11.63 -17.37 -20.88
C GLN B 153 -12.77 -16.37 -20.96
N VAL B 154 -12.65 -15.23 -20.25
CA VAL B 154 -13.69 -14.21 -20.34
C VAL B 154 -13.72 -13.61 -21.70
N SER B 155 -12.59 -13.33 -22.28
CA SER B 155 -12.58 -12.76 -23.63
C SER B 155 -13.33 -13.68 -24.64
N LEU B 156 -13.04 -14.96 -24.58
CA LEU B 156 -13.67 -15.94 -25.55
C LEU B 156 -15.19 -15.98 -25.36
N ALA B 157 -15.56 -16.06 -24.09
CA ALA B 157 -16.94 -16.18 -23.67
C ALA B 157 -17.73 -14.92 -23.89
N TYR B 158 -17.12 -13.73 -23.70
CA TYR B 158 -17.83 -12.51 -23.80
C TYR B 158 -17.81 -11.94 -25.20
N GLY B 159 -16.62 -11.87 -25.80
CA GLY B 159 -16.50 -11.44 -27.20
C GLY B 159 -16.75 -10.00 -27.50
N LEU B 160 -16.84 -9.16 -26.47
CA LEU B 160 -17.10 -7.75 -26.64
C LEU B 160 -16.11 -6.93 -25.75
N PRO B 161 -15.90 -5.66 -26.06
CA PRO B 161 -15.07 -4.78 -25.20
C PRO B 161 -15.51 -4.83 -23.77
N PHE B 162 -14.53 -4.93 -22.86
CA PHE B 162 -14.79 -4.90 -21.39
C PHE B 162 -13.56 -4.31 -20.68
N GLY B 163 -13.70 -4.13 -19.38
CA GLY B 163 -12.66 -3.58 -18.53
C GLY B 163 -12.41 -4.49 -17.36
N VAL B 164 -11.28 -4.21 -16.74
CA VAL B 164 -10.84 -4.95 -15.60
C VAL B 164 -10.47 -3.99 -14.43
N LYS B 165 -10.93 -4.36 -13.24
CA LYS B 165 -10.68 -3.72 -11.96
C LYS B 165 -9.48 -4.41 -11.32
N MET B 166 -8.41 -3.63 -11.12
CA MET B 166 -7.09 -4.13 -10.70
C MET B 166 -6.79 -3.68 -9.27
N PRO B 167 -6.21 -4.59 -8.45
CA PRO B 167 -5.60 -4.20 -7.22
C PRO B 167 -4.33 -3.40 -7.50
N PRO B 168 -3.82 -2.68 -6.50
CA PRO B 168 -2.62 -1.90 -6.70
C PRO B 168 -1.42 -2.84 -6.72
N TYR B 169 -0.42 -2.45 -7.48
CA TYR B 169 0.92 -3.02 -7.43
C TYR B 169 1.90 -2.02 -6.85
N PHE B 170 3.04 -2.54 -6.39
CA PHE B 170 4.01 -1.77 -5.60
C PHE B 170 5.42 -1.94 -6.07
N ASP B 171 5.58 -2.59 -7.21
CA ASP B 171 6.90 -2.97 -7.70
C ASP B 171 6.89 -2.79 -9.23
N ILE B 172 7.92 -2.13 -9.74
CA ILE B 172 7.96 -1.76 -11.19
C ILE B 172 7.92 -3.03 -12.05
N ALA B 173 8.62 -4.07 -11.60
CA ALA B 173 8.57 -5.35 -12.33
C ALA B 173 7.15 -5.87 -12.46
N HIS B 174 6.36 -5.76 -11.37
CA HIS B 174 4.99 -6.16 -11.38
C HIS B 174 4.17 -5.34 -12.35
N PHE B 175 4.34 -4.03 -12.33
CA PHE B 175 3.67 -3.22 -13.35
C PHE B 175 3.99 -3.74 -14.76
N ASP B 176 5.24 -3.97 -15.05
CA ASP B 176 5.61 -4.46 -16.37
C ASP B 176 4.94 -5.80 -16.72
N THR B 177 4.94 -6.74 -15.79
CA THR B 177 4.33 -8.00 -15.99
C THR B 177 2.82 -7.89 -16.17
N ALA B 178 2.15 -7.19 -15.28
CA ALA B 178 0.70 -7.05 -15.32
C ALA B 178 0.23 -6.39 -16.58
N ALA B 179 0.88 -5.31 -16.97
CA ALA B 179 0.47 -4.60 -18.18
C ALA B 179 0.67 -5.48 -19.43
N ALA B 180 1.75 -6.25 -19.44
CA ALA B 180 2.05 -7.20 -20.57
C ALA B 180 0.95 -8.19 -20.66
N VAL B 181 0.50 -8.71 -19.54
CA VAL B 181 -0.70 -9.62 -19.57
C VAL B 181 -1.91 -8.91 -20.15
N LEU B 182 -2.25 -7.71 -19.67
CA LEU B 182 -3.44 -7.07 -20.10
C LEU B 182 -3.40 -6.71 -21.57
N ASN B 183 -2.21 -6.34 -22.04
CA ASN B 183 -1.99 -6.06 -23.46
C ASN B 183 -2.10 -7.27 -24.45
N GLU B 184 -2.17 -8.48 -23.91
CA GLU B 184 -2.48 -9.69 -24.72
C GLU B 184 -3.91 -9.77 -25.11
N PHE B 185 -4.78 -8.96 -24.47
CA PHE B 185 -6.22 -9.03 -24.69
C PHE B 185 -6.76 -7.77 -25.31
N PRO B 186 -6.98 -7.78 -26.64
CA PRO B 186 -7.52 -6.59 -27.27
C PRO B 186 -8.93 -6.19 -26.84
N LEU B 187 -9.71 -7.11 -26.27
CA LEU B 187 -11.07 -6.75 -25.80
C LEU B 187 -11.01 -6.00 -24.47
N VAL B 188 -9.88 -6.10 -23.80
CA VAL B 188 -9.73 -5.35 -22.55
C VAL B 188 -9.48 -3.89 -22.94
N LYS B 189 -10.54 -3.10 -22.97
CA LYS B 189 -10.46 -1.73 -23.41
C LYS B 189 -10.28 -0.70 -22.32
N PHE B 190 -10.55 -1.06 -21.07
CA PHE B 190 -10.23 -0.12 -20.02
C PHE B 190 -9.74 -0.90 -18.80
N VAL B 191 -8.90 -0.23 -18.02
CA VAL B 191 -8.32 -0.80 -16.86
C VAL B 191 -8.70 0.17 -15.73
N THR B 192 -9.20 -0.33 -14.60
CA THR B 192 -9.55 0.54 -13.51
C THR B 192 -8.54 0.37 -12.39
N CYS B 193 -7.78 1.44 -12.10
CA CYS B 193 -6.75 1.37 -11.06
C CYS B 193 -7.14 2.37 -9.99
N VAL B 194 -7.44 2.01 -8.70
CA VAL B 194 -7.25 0.75 -8.09
C VAL B 194 -8.38 0.35 -7.19
N ASN B 195 -8.40 -0.95 -6.95
CA ASN B 195 -9.16 -1.50 -5.82
C ASN B 195 -8.48 -1.12 -4.50
N SER B 196 -9.12 -1.45 -3.40
CA SER B 196 -8.58 -1.08 -2.10
C SER B 196 -7.18 -1.67 -1.84
N VAL B 197 -6.40 -0.96 -1.04
CA VAL B 197 -5.04 -1.42 -0.72
C VAL B 197 -5.23 -2.59 0.34
N GLY B 198 -4.82 -3.81 -0.04
CA GLY B 198 -5.24 -4.99 0.60
C GLY B 198 -4.71 -5.11 2.01
N ASN B 199 -5.57 -5.63 2.83
CA ASN B 199 -5.19 -6.13 4.16
C ASN B 199 -4.36 -5.15 5.00
N GLY B 200 -4.89 -3.95 5.16
CA GLY B 200 -4.56 -3.08 6.22
C GLY B 200 -5.23 -3.45 7.57
N LEU B 201 -4.83 -2.73 8.60
CA LEU B 201 -5.30 -2.99 9.97
C LEU B 201 -5.43 -1.72 10.71
N VAL B 202 -6.69 -1.35 11.05
CA VAL B 202 -6.96 -0.21 11.87
C VAL B 202 -7.29 -0.69 13.27
N ILE B 203 -6.69 0.00 14.22
CA ILE B 203 -6.76 -0.31 15.67
C ILE B 203 -7.20 0.92 16.37
N ASP B 204 -8.19 0.75 17.21
CA ASP B 204 -8.66 1.86 18.11
C ASP B 204 -7.86 1.90 19.43
N ALA B 205 -7.16 2.98 19.68
CA ALA B 205 -6.36 3.05 20.88
C ALA B 205 -7.18 2.96 22.19
N GLU B 206 -8.32 3.62 22.26
CA GLU B 206 -9.03 3.62 23.52
C GLU B 206 -9.50 2.22 23.93
N SER B 207 -10.12 1.52 23.00
CA SER B 207 -10.65 0.21 23.21
C SER B 207 -9.59 -0.92 23.03
N GLU B 208 -8.45 -0.59 22.47
CA GLU B 208 -7.36 -1.56 22.20
C GLU B 208 -7.82 -2.65 21.26
N SER B 209 -8.74 -2.34 20.37
CA SER B 209 -9.38 -3.32 19.53
C SER B 209 -9.30 -2.95 18.07
N VAL B 210 -9.32 -3.96 17.23
CA VAL B 210 -9.53 -3.74 15.80
C VAL B 210 -10.95 -3.22 15.62
N VAL B 211 -11.27 -2.68 14.43
CA VAL B 211 -12.53 -2.00 14.27
C VAL B 211 -13.55 -2.63 13.30
N ILE B 212 -13.13 -3.65 12.59
CA ILE B 212 -13.97 -4.56 11.89
C ILE B 212 -13.79 -6.00 12.41
N LYS B 213 -14.89 -6.73 12.30
CA LYS B 213 -15.06 -8.10 12.86
C LYS B 213 -14.43 -9.19 12.02
N PRO B 214 -14.65 -9.18 10.69
CA PRO B 214 -14.11 -10.30 9.87
C PRO B 214 -12.56 -10.22 9.82
N LYS B 215 -11.95 -11.37 9.61
CA LYS B 215 -10.53 -11.52 9.29
C LYS B 215 -9.65 -10.88 10.37
N GLN B 216 -10.04 -10.95 11.65
CA GLN B 216 -9.28 -10.42 12.80
C GLN B 216 -8.95 -8.93 12.65
N GLY B 217 -9.83 -8.26 11.91
CA GLY B 217 -9.80 -6.84 11.72
C GLY B 217 -9.05 -6.38 10.47
N PHE B 218 -8.53 -7.30 9.64
CA PHE B 218 -7.75 -6.97 8.46
C PHE B 218 -8.75 -6.65 7.33
N GLY B 219 -8.53 -5.60 6.57
CA GLY B 219 -9.35 -5.34 5.36
C GLY B 219 -8.76 -4.38 4.40
N GLY B 220 -9.48 -4.06 3.30
CA GLY B 220 -8.87 -3.24 2.30
C GLY B 220 -9.07 -1.76 2.70
N LEU B 221 -8.05 -0.96 2.41
CA LEU B 221 -8.00 0.47 2.70
C LEU B 221 -8.40 1.30 1.49
N GLY B 222 -9.22 2.27 1.78
CA GLY B 222 -9.56 3.29 0.84
C GLY B 222 -9.39 4.67 1.37
N GLY B 223 -9.53 5.64 0.49
CA GLY B 223 -9.49 7.00 0.93
C GLY B 223 -8.15 7.68 0.88
N LYS B 224 -7.93 8.69 1.74
CA LYS B 224 -6.69 9.49 1.65
C LYS B 224 -5.40 8.73 1.82
N TYR B 225 -5.45 7.63 2.55
CA TYR B 225 -4.26 6.76 2.69
C TYR B 225 -3.71 6.34 1.33
N ILE B 226 -4.59 6.27 0.33
CA ILE B 226 -4.23 5.48 -0.90
C ILE B 226 -4.07 6.30 -2.17
N LEU B 227 -4.20 7.62 -2.06
CA LEU B 227 -4.15 8.49 -3.24
C LEU B 227 -2.82 8.37 -4.00
N PRO B 228 -1.63 8.39 -3.31
CA PRO B 228 -0.40 8.32 -4.10
C PRO B 228 -0.19 6.90 -4.76
N THR B 229 -0.69 5.89 -4.09
CA THR B 229 -0.70 4.53 -4.61
C THR B 229 -1.56 4.49 -5.86
N ALA B 230 -2.71 5.11 -5.79
CA ALA B 230 -3.69 5.07 -6.91
C ALA B 230 -3.15 5.82 -8.11
N LEU B 231 -2.55 6.98 -7.86
CA LEU B 231 -1.95 7.79 -8.91
C LEU B 231 -0.83 7.07 -9.56
N ALA B 232 -0.02 6.34 -8.79
CA ALA B 232 1.09 5.63 -9.37
C ALA B 232 0.58 4.51 -10.26
N ASN B 233 -0.48 3.85 -9.84
CA ASN B 233 -0.93 2.76 -10.61
C ASN B 233 -1.65 3.30 -11.89
N VAL B 234 -2.44 4.36 -11.75
CA VAL B 234 -3.05 4.95 -12.94
C VAL B 234 -1.97 5.29 -14.01
N ASN B 235 -0.92 5.95 -13.57
CA ASN B 235 0.10 6.42 -14.46
C ASN B 235 0.92 5.27 -15.04
N ALA B 236 1.24 4.26 -14.20
CA ALA B 236 1.98 3.12 -14.67
C ALA B 236 1.29 2.38 -15.79
N PHE B 237 -0.04 2.17 -15.65
CA PHE B 237 -0.84 1.53 -16.64
C PHE B 237 -1.14 2.46 -17.82
N TYR B 238 -1.20 3.75 -17.57
CA TYR B 238 -1.46 4.68 -18.66
C TYR B 238 -0.26 4.63 -19.58
N ARG B 239 0.90 4.63 -18.97
CA ARG B 239 2.12 4.53 -19.77
C ARG B 239 2.25 3.23 -20.53
N ARG B 240 1.89 2.16 -19.90
CA ARG B 240 2.17 0.84 -20.45
C ARG B 240 1.08 0.28 -21.37
N CYS B 241 -0.08 0.91 -21.41
CA CYS B 241 -1.26 0.37 -22.14
C CYS B 241 -1.80 1.47 -23.05
N PRO B 242 -1.03 1.86 -24.07
CA PRO B 242 -1.46 3.02 -24.86
C PRO B 242 -2.64 2.84 -25.69
N ASP B 243 -3.03 1.60 -25.95
CA ASP B 243 -4.25 1.33 -26.69
C ASP B 243 -5.48 1.05 -25.82
N LYS B 244 -5.36 1.30 -24.52
CA LYS B 244 -6.45 1.08 -23.58
C LYS B 244 -6.77 2.43 -22.87
N LEU B 245 -7.94 2.51 -22.25
CA LEU B 245 -8.28 3.60 -21.39
C LEU B 245 -7.90 3.16 -19.96
N VAL B 246 -7.62 4.14 -19.11
CA VAL B 246 -7.41 3.88 -17.67
C VAL B 246 -8.46 4.66 -16.93
N PHE B 247 -9.15 4.01 -16.00
CA PHE B 247 -10.12 4.63 -15.11
C PHE B 247 -9.43 4.75 -13.76
N GLY B 248 -9.43 5.97 -13.15
CA GLY B 248 -8.76 6.12 -11.86
C GLY B 248 -9.73 5.93 -10.71
N CYS B 249 -9.26 5.26 -9.67
CA CYS B 249 -10.03 5.06 -8.48
C CYS B 249 -9.03 5.08 -7.32
N GLY B 250 -9.34 5.84 -6.28
CA GLY B 250 -8.60 5.82 -5.05
C GLY B 250 -8.24 7.21 -4.55
N GLY B 251 -8.80 7.54 -3.39
CA GLY B 251 -8.47 8.73 -2.69
C GLY B 251 -9.09 10.02 -3.21
N VAL B 252 -10.15 9.91 -4.03
CA VAL B 252 -10.75 11.13 -4.57
C VAL B 252 -11.74 11.73 -3.57
N TYR B 253 -11.42 12.91 -3.01
CA TYR B 253 -12.35 13.65 -2.16
C TYR B 253 -12.74 15.06 -2.73
N SER B 254 -11.99 15.53 -3.71
CA SER B 254 -12.04 16.91 -4.21
C SER B 254 -11.79 16.90 -5.71
N GLY B 255 -12.27 17.96 -6.38
CA GLY B 255 -11.90 18.23 -7.74
C GLY B 255 -10.41 18.25 -8.00
N GLU B 256 -9.64 18.79 -7.04
CA GLU B 256 -8.17 18.69 -7.13
C GLU B 256 -7.68 17.22 -7.22
N ASP B 257 -8.19 16.36 -6.37
CA ASP B 257 -7.81 14.95 -6.39
C ASP B 257 -8.14 14.32 -7.75
N ALA B 258 -9.34 14.63 -8.28
CA ALA B 258 -9.69 14.22 -9.62
C ALA B 258 -8.80 14.75 -10.71
N PHE B 259 -8.43 16.02 -10.57
CA PHE B 259 -7.47 16.64 -11.47
C PHE B 259 -6.17 15.85 -11.52
N LEU B 260 -5.68 15.41 -10.37
CA LEU B 260 -4.41 14.70 -10.32
C LEU B 260 -4.58 13.35 -10.97
N HIS B 261 -5.72 12.68 -10.77
CA HIS B 261 -5.99 11.41 -11.43
C HIS B 261 -5.98 11.55 -13.00
N ILE B 262 -6.57 12.63 -13.49
CA ILE B 262 -6.64 12.87 -14.92
C ILE B 262 -5.26 13.22 -15.45
N LEU B 263 -4.52 14.06 -14.71
CA LEU B 263 -3.10 14.31 -15.07
C LEU B 263 -2.29 13.02 -15.24
N ALA B 264 -2.55 12.08 -14.32
CA ALA B 264 -1.89 10.82 -14.31
C ALA B 264 -2.32 9.92 -15.48
N GLY B 265 -3.47 10.20 -16.13
CA GLY B 265 -3.91 9.37 -17.26
C GLY B 265 -5.40 8.96 -17.24
N ALA B 266 -6.12 9.25 -16.15
CA ALA B 266 -7.48 8.77 -15.96
C ALA B 266 -8.48 9.36 -16.94
N SER B 267 -9.31 8.49 -17.53
CA SER B 267 -10.42 8.93 -18.40
C SER B 267 -11.65 9.16 -17.48
N MET B 268 -12.07 8.14 -16.75
CA MET B 268 -13.14 8.27 -15.78
C MET B 268 -12.46 8.26 -14.45
N VAL B 269 -13.12 8.84 -13.46
CA VAL B 269 -12.65 8.96 -12.10
C VAL B 269 -13.77 8.42 -11.20
N GLN B 270 -13.43 7.37 -10.46
CA GLN B 270 -14.37 6.72 -9.54
C GLN B 270 -14.18 7.20 -8.12
N VAL B 271 -15.30 7.26 -7.39
CA VAL B 271 -15.31 7.71 -6.04
C VAL B 271 -15.92 6.66 -5.14
N GLY B 272 -15.15 6.22 -4.15
CA GLY B 272 -15.56 5.22 -3.17
C GLY B 272 -15.77 5.77 -1.80
N THR B 273 -14.78 5.69 -0.93
CA THR B 273 -14.89 6.18 0.46
C THR B 273 -15.56 7.53 0.57
N ALA B 274 -15.14 8.50 -0.22
CA ALA B 274 -15.68 9.89 -0.06
C ALA B 274 -17.18 9.94 -0.40
N LEU B 275 -17.59 9.09 -1.32
CA LEU B 275 -19.00 8.89 -1.66
C LEU B 275 -19.79 8.20 -0.53
N GLN B 276 -19.21 7.15 0.01
CA GLN B 276 -19.81 6.47 1.15
C GLN B 276 -20.01 7.45 2.30
N GLU B 277 -19.03 8.35 2.54
CA GLU B 277 -19.08 9.24 3.64
C GLU B 277 -19.95 10.46 3.40
N GLU B 278 -19.92 11.03 2.20
CA GLU B 278 -20.53 12.34 2.00
C GLU B 278 -21.88 12.15 1.35
N GLY B 279 -22.07 11.04 0.63
CA GLY B 279 -23.29 10.82 -0.09
C GLY B 279 -23.22 11.41 -1.53
N PRO B 280 -24.29 11.22 -2.31
CA PRO B 280 -24.23 11.52 -3.76
C PRO B 280 -24.17 12.99 -4.17
N GLY B 281 -24.49 13.90 -3.25
CA GLY B 281 -24.21 15.29 -3.45
C GLY B 281 -22.78 15.58 -3.75
N ILE B 282 -21.87 14.66 -3.36
CA ILE B 282 -20.49 14.90 -3.65
C ILE B 282 -20.27 15.16 -5.12
N PHE B 283 -21.08 14.60 -6.03
CA PHE B 283 -20.79 14.71 -7.47
C PHE B 283 -20.92 16.12 -8.03
N THR B 284 -21.83 16.93 -7.48
CA THR B 284 -21.93 18.30 -7.93
C THR B 284 -20.75 19.10 -7.46
N ARG B 285 -20.27 18.85 -6.26
CA ARG B 285 -19.12 19.53 -5.70
C ARG B 285 -17.87 19.16 -6.50
N LEU B 286 -17.67 17.89 -6.79
CA LEU B 286 -16.51 17.47 -7.52
C LEU B 286 -16.46 18.08 -8.93
N GLU B 287 -17.62 18.16 -9.57
CA GLU B 287 -17.73 18.80 -10.90
C GLU B 287 -17.34 20.29 -10.80
N ASP B 288 -17.91 20.97 -9.82
CA ASP B 288 -17.69 22.38 -9.68
C ASP B 288 -16.23 22.66 -9.40
N GLU B 289 -15.65 21.89 -8.48
CA GLU B 289 -14.27 22.03 -8.13
C GLU B 289 -13.31 21.75 -9.30
N LEU B 290 -13.57 20.68 -10.04
CA LEU B 290 -12.72 20.34 -11.18
C LEU B 290 -12.83 21.46 -12.26
N LEU B 291 -14.05 21.96 -12.52
CA LEU B 291 -14.18 23.01 -13.53
C LEU B 291 -13.47 24.30 -13.04
N GLU B 292 -13.47 24.55 -11.74
CA GLU B 292 -12.83 25.71 -11.19
C GLU B 292 -11.33 25.65 -11.34
N ILE B 293 -10.73 24.50 -11.08
CA ILE B 293 -9.27 24.33 -11.31
C ILE B 293 -8.95 24.49 -12.82
N MET B 294 -9.75 23.86 -13.68
CA MET B 294 -9.59 24.05 -15.12
C MET B 294 -9.59 25.54 -15.56
N ALA B 295 -10.61 26.28 -15.13
CA ALA B 295 -10.77 27.70 -15.48
C ALA B 295 -9.58 28.49 -15.02
N ARG B 296 -9.10 28.23 -13.81
CA ARG B 296 -7.94 28.98 -13.26
C ARG B 296 -6.68 28.69 -14.12
N LYS B 297 -6.59 27.47 -14.65
CA LYS B 297 -5.46 27.07 -15.44
C LYS B 297 -5.61 27.38 -16.94
N GLY B 298 -6.80 27.74 -17.39
CA GLY B 298 -7.05 27.94 -18.78
C GLY B 298 -7.30 26.70 -19.58
N TYR B 299 -7.66 25.60 -18.93
CA TYR B 299 -7.95 24.42 -19.64
C TYR B 299 -9.45 24.42 -20.01
N ARG B 300 -9.74 24.10 -21.28
CA ARG B 300 -11.10 24.00 -21.71
C ARG B 300 -11.67 22.56 -21.81
N THR B 301 -10.82 21.55 -21.89
CA THR B 301 -11.18 20.18 -22.10
C THR B 301 -10.34 19.33 -21.15
N LEU B 302 -10.83 18.12 -20.89
CA LEU B 302 -9.99 17.16 -20.11
C LEU B 302 -8.87 16.64 -20.95
N GLU B 303 -9.09 16.56 -22.27
CA GLU B 303 -8.09 16.02 -23.19
C GLU B 303 -6.80 16.82 -23.17
N GLU B 304 -6.94 18.09 -22.86
CA GLU B 304 -5.84 19.02 -22.88
C GLU B 304 -4.76 18.64 -21.88
N PHE B 305 -5.18 18.09 -20.76
CA PHE B 305 -4.24 17.68 -19.70
C PHE B 305 -4.19 16.19 -19.28
N ARG B 306 -5.06 15.34 -19.81
CA ARG B 306 -5.11 13.98 -19.36
C ARG B 306 -3.77 13.37 -19.70
N GLY B 307 -3.14 12.74 -18.75
CA GLY B 307 -1.89 12.11 -18.96
C GLY B 307 -0.65 12.99 -19.05
N ARG B 308 -0.84 14.27 -18.86
CA ARG B 308 0.19 15.24 -19.08
C ARG B 308 1.03 15.58 -17.86
N VAL B 309 0.92 14.79 -16.80
CA VAL B 309 1.81 15.00 -15.63
C VAL B 309 3.24 15.20 -16.10
N LYS B 310 3.85 16.25 -15.60
CA LYS B 310 5.24 16.51 -15.91
C LYS B 310 6.23 15.75 -15.02
N THR B 311 7.29 15.25 -15.65
CA THR B 311 8.42 14.63 -14.88
C THR B 311 9.53 15.70 -14.79
N ILE B 312 10.48 15.53 -13.88
CA ILE B 312 11.61 16.44 -13.71
C ILE B 312 12.81 15.95 -14.53
N GLU B 313 13.23 16.75 -15.52
CA GLU B 313 14.26 16.40 -16.53
C GLU B 313 13.89 15.21 -17.46
#